data_5R5E
#
_entry.id   5R5E
#
_cell.length_a   49.620
_cell.length_b   52.280
_cell.length_c   101.690
_cell.angle_alpha   90.000
_cell.angle_beta   90.000
_cell.angle_gamma   90.000
#
_symmetry.space_group_name_H-M   'P 21 21 21'
#
loop_
_entity.id
_entity.type
_entity.pdbx_description
1 polymer 'Uridine diphosphate glucose pyrophosphatase NUDT22'
2 non-polymer ~{N},~{N},5,6-tetramethylthieno[2,3-d]pyrimidin-4-amine
3 non-polymer 'DIMETHYL SULFOXIDE'
4 water water
#
_entity_poly.entity_id   1
_entity_poly.type   'polypeptide(L)'
_entity_poly.pdbx_seq_one_letter_code
;SMDPEVTLLLQCPGGGLPQEQIQAELSPAHDRRPLPGGDEAITAIWETRLKAQPWLFDAPKFRLHSATLAPIGSRGPQLL
LRLGLTSYRDFLGTNWSSSAAWLRQQGATDWGDTQAYLADPLGVGAALATADDFLVFLRRSRQVAEAPGLVDVPGGHPEP
QALCPGGSPQHQDLAGQLVVHELFSSVLQEICDEVNLPLLTLSQPLLLGIARNETSAGRASAEFYVQCSLTSEQVRKHYL
SGGPEAHESTGIFFVETQNVRRLPETEMWAELCPSAKGAIILYNRVQGSPTGAALGSPALLPPL
;
_entity_poly.pdbx_strand_id   A
#
# COMPACT_ATOMS: atom_id res chain seq x y z
N ASP A 3 14.08 11.11 -0.53
N ASP A 3 14.41 9.98 -0.60
CA ASP A 3 12.69 10.83 -0.07
CA ASP A 3 13.18 10.65 -0.10
C ASP A 3 12.73 10.13 1.29
C ASP A 3 12.85 10.09 1.28
N PRO A 4 13.05 10.85 2.38
CA PRO A 4 13.08 10.26 3.71
C PRO A 4 11.72 9.72 4.18
N GLU A 5 10.59 10.08 3.56
CA GLU A 5 9.31 9.65 4.16
C GLU A 5 8.91 8.29 3.60
N VAL A 6 9.66 7.71 2.65
CA VAL A 6 9.39 6.31 2.18
C VAL A 6 10.67 5.47 2.09
N THR A 7 10.61 4.23 2.60
CA THR A 7 11.71 3.23 2.49
C THR A 7 11.18 1.96 1.81
N LEU A 8 11.96 1.34 0.94
CA LEU A 8 11.56 0.06 0.29
C LEU A 8 11.93 -1.10 1.21
N LEU A 9 10.96 -1.90 1.62
CA LEU A 9 11.23 -3.14 2.38
C LEU A 9 11.47 -4.32 1.42
N LEU A 10 10.79 -4.37 0.29
CA LEU A 10 10.85 -5.51 -0.69
C LEU A 10 10.71 -4.97 -2.11
N GLN A 11 11.59 -5.37 -3.03
CA GLN A 11 11.44 -5.21 -4.51
C GLN A 11 11.25 -6.61 -5.11
N CYS A 12 10.16 -6.89 -5.76
CA CYS A 12 9.88 -8.25 -6.32
C CYS A 12 10.67 -8.48 -7.60
N PRO A 13 11.06 -9.74 -7.86
CA PRO A 13 11.70 -10.11 -9.13
C PRO A 13 10.70 -10.42 -10.25
N GLY A 14 11.24 -10.59 -11.45
CA GLY A 14 10.51 -11.10 -12.62
C GLY A 14 9.46 -10.15 -13.15
N GLY A 15 9.53 -8.85 -12.82
CA GLY A 15 8.52 -7.85 -13.18
C GLY A 15 7.32 -7.89 -12.25
N GLY A 16 7.35 -8.69 -11.18
CA GLY A 16 6.30 -8.70 -10.14
C GLY A 16 5.76 -10.10 -9.96
N LEU A 17 5.33 -10.44 -8.76
CA LEU A 17 4.88 -11.84 -8.44
C LEU A 17 3.37 -11.99 -8.52
N PRO A 18 2.87 -13.06 -9.22
CA PRO A 18 1.46 -13.44 -9.16
C PRO A 18 1.09 -14.13 -7.84
N GLN A 19 -0.20 -14.18 -7.55
CA GLN A 19 -0.76 -14.77 -6.34
C GLN A 19 -0.19 -16.19 -6.07
N GLU A 20 -0.04 -17.02 -7.12
CA GLU A 20 0.30 -18.45 -6.97
C GLU A 20 1.75 -18.62 -6.50
N GLN A 21 2.55 -17.56 -6.53
CA GLN A 21 3.96 -17.64 -6.11
C GLN A 21 4.20 -17.10 -4.70
N ILE A 22 3.15 -16.76 -3.94
CA ILE A 22 3.30 -16.16 -2.59
C ILE A 22 2.67 -17.09 -1.54
N GLN A 23 3.43 -17.33 -0.47
CA GLN A 23 2.98 -18.03 0.76
C GLN A 23 2.76 -17.01 1.88
N ALA A 24 1.72 -17.19 2.72
CA ALA A 24 1.62 -16.39 3.96
C ALA A 24 1.67 -17.33 5.16
N GLU A 25 2.25 -16.85 6.26
CA GLU A 25 2.24 -17.49 7.58
C GLU A 25 1.51 -16.51 8.50
N LEU A 26 0.27 -16.83 8.88
CA LEU A 26 -0.54 -15.97 9.79
C LEU A 26 -0.48 -16.59 11.18
N SER A 27 0.17 -15.92 12.13
CA SER A 27 0.56 -16.48 13.46
C SER A 27 0.52 -15.40 14.54
N PRO A 28 0.01 -15.72 15.77
CA PRO A 28 0.07 -14.77 16.90
C PRO A 28 1.51 -14.43 17.31
N ALA A 29 2.52 -15.22 16.91
CA ALA A 29 3.95 -14.84 17.03
C ALA A 29 4.29 -13.55 16.26
N HIS A 30 3.48 -13.16 15.26
CA HIS A 30 3.71 -12.01 14.36
C HIS A 30 2.94 -10.77 14.86
N ASP A 31 2.30 -10.87 16.03
CA ASP A 31 1.49 -9.76 16.58
C ASP A 31 2.39 -8.69 17.19
N ARG A 32 1.82 -7.51 17.43
CA ARG A 32 2.43 -6.44 18.26
C ARG A 32 2.69 -6.99 19.67
N ARG A 33 3.75 -6.54 20.31
CA ARG A 33 4.04 -6.85 21.74
C ARG A 33 3.21 -5.91 22.63
N PRO A 34 2.72 -6.39 23.78
CA PRO A 34 2.06 -5.50 24.74
C PRO A 34 2.97 -4.32 25.11
N LEU A 35 2.42 -3.12 25.28
CA LEU A 35 3.23 -1.89 25.56
C LEU A 35 3.89 -2.01 26.93
N PRO A 36 5.06 -1.38 27.13
CA PRO A 36 5.80 -1.51 28.40
C PRO A 36 4.97 -1.25 29.68
N GLY A 37 4.13 -0.22 29.66
CA GLY A 37 3.29 0.17 30.82
C GLY A 37 1.89 -0.40 30.70
N GLY A 38 1.66 -1.28 29.73
CA GLY A 38 0.38 -1.99 29.53
C GLY A 38 -0.44 -1.32 28.42
N ASP A 39 -1.35 -2.08 27.82
CA ASP A 39 -2.22 -1.63 26.67
C ASP A 39 -3.32 -0.68 27.15
N GLU A 40 -3.43 -0.40 28.47
CA GLU A 40 -4.34 0.64 28.99
C GLU A 40 -4.14 2.00 28.31
N ALA A 41 -2.93 2.36 27.89
CA ALA A 41 -2.65 3.62 27.17
C ALA A 41 -3.46 3.64 25.85
N ILE A 42 -3.63 2.50 25.19
CA ILE A 42 -4.38 2.39 23.90
C ILE A 42 -5.89 2.58 24.18
N THR A 43 -6.38 1.91 25.21
CA THR A 43 -7.79 1.97 25.65
C THR A 43 -8.14 3.41 26.01
N ALA A 44 -7.26 4.15 26.70
CA ALA A 44 -7.51 5.56 27.09
C ALA A 44 -7.68 6.46 25.85
N ILE A 45 -6.78 6.35 24.86
CA ILE A 45 -6.84 7.14 23.60
C ILE A 45 -8.17 6.83 22.90
N TRP A 46 -8.57 5.55 22.85
CA TRP A 46 -9.78 5.11 22.11
C TRP A 46 -11.04 5.70 22.81
N GLU A 47 -11.09 5.59 24.14
CA GLU A 47 -12.23 6.13 24.94
C GLU A 47 -12.37 7.61 24.70
N THR A 48 -11.27 8.37 24.72
CA THR A 48 -11.29 9.83 24.50
C THR A 48 -11.88 10.13 23.11
N ARG A 49 -11.42 9.37 22.10
CA ARG A 49 -11.84 9.56 20.70
C ARG A 49 -13.33 9.23 20.56
N LEU A 50 -13.83 8.13 21.12
CA LEU A 50 -15.27 7.74 21.02
C LEU A 50 -16.13 8.77 21.74
N LYS A 51 -15.64 9.39 22.81
CA LYS A 51 -16.46 10.38 23.55
C LYS A 51 -16.62 11.71 22.77
N ALA A 52 -15.83 11.92 21.71
CA ALA A 52 -15.93 13.06 20.77
C ALA A 52 -16.65 12.63 19.49
N GLN A 53 -16.41 11.40 19.04
CA GLN A 53 -16.96 10.88 17.75
C GLN A 53 -17.58 9.50 18.01
N PRO A 54 -18.75 9.41 18.67
CA PRO A 54 -19.29 8.11 19.08
C PRO A 54 -19.73 7.20 17.93
N TRP A 55 -19.78 7.70 16.68
CA TRP A 55 -20.12 6.89 15.47
C TRP A 55 -18.91 6.10 14.94
N LEU A 56 -17.71 6.32 15.47
CA LEU A 56 -16.51 5.56 15.02
C LEU A 56 -16.65 4.09 15.43
N PHE A 57 -16.05 3.20 14.66
CA PHE A 57 -16.05 1.74 14.98
C PHE A 57 -14.67 1.17 14.73
N ASP A 58 -14.30 0.18 15.54
CA ASP A 58 -13.04 -0.59 15.37
C ASP A 58 -13.22 -1.52 14.15
N ALA A 59 -12.11 -2.02 13.62
CA ALA A 59 -12.09 -3.09 12.60
C ALA A 59 -10.76 -3.82 12.71
N PRO A 60 -10.74 -5.14 12.50
CA PRO A 60 -9.49 -5.89 12.48
C PRO A 60 -8.72 -5.56 11.19
N LYS A 61 -7.41 -5.74 11.27
CA LYS A 61 -6.47 -5.47 10.16
C LYS A 61 -5.42 -6.58 10.17
N PHE A 62 -4.79 -6.85 9.04
CA PHE A 62 -3.53 -7.64 9.02
C PHE A 62 -2.35 -6.77 9.48
N ARG A 63 -1.44 -7.37 10.23
CA ARG A 63 -0.16 -6.77 10.65
C ARG A 63 0.97 -7.38 9.81
N LEU A 64 1.83 -6.55 9.21
CA LEU A 64 3.09 -7.05 8.57
C LEU A 64 4.18 -7.19 9.62
N HIS A 65 4.70 -8.39 9.82
CA HIS A 65 5.93 -8.62 10.62
C HIS A 65 7.19 -8.54 9.75
N SER A 66 7.20 -9.24 8.61
CA SER A 66 8.39 -9.36 7.74
C SER A 66 8.03 -10.10 6.46
N ALA A 67 8.88 -10.01 5.43
CA ALA A 67 8.64 -10.62 4.10
C ALA A 67 9.99 -11.10 3.57
N THR A 68 10.15 -12.41 3.34
CA THR A 68 11.44 -13.02 2.92
C THR A 68 11.32 -13.52 1.48
N LEU A 69 12.18 -13.01 0.59
CA LEU A 69 12.25 -13.46 -0.82
C LEU A 69 13.17 -14.68 -0.93
N ALA A 70 12.75 -15.66 -1.75
CA ALA A 70 13.56 -16.83 -2.11
C ALA A 70 14.79 -16.36 -2.89
N PRO A 71 15.84 -17.18 -3.00
CA PRO A 71 16.95 -16.91 -3.92
C PRO A 71 16.43 -16.66 -5.34
N ILE A 72 16.92 -15.62 -6.04
CA ILE A 72 16.36 -15.27 -7.38
C ILE A 72 16.63 -16.41 -8.38
N GLY A 73 15.65 -16.62 -9.25
CA GLY A 73 15.69 -17.62 -10.32
C GLY A 73 15.30 -19.02 -9.87
N SER A 74 14.84 -19.18 -8.63
CA SER A 74 14.52 -20.50 -8.05
C SER A 74 13.11 -20.94 -8.51
N ARG A 75 12.84 -22.23 -8.38
CA ARG A 75 11.51 -22.87 -8.58
C ARG A 75 10.78 -22.85 -7.23
N GLY A 76 9.48 -23.09 -7.25
CA GLY A 76 8.67 -23.11 -6.02
C GLY A 76 8.28 -21.69 -5.61
N PRO A 77 7.65 -21.54 -4.42
CA PRO A 77 7.20 -20.24 -3.93
C PRO A 77 8.36 -19.24 -3.76
N GLN A 78 8.10 -18.02 -4.17
CA GLN A 78 9.16 -16.99 -4.29
C GLN A 78 9.12 -16.03 -3.10
N LEU A 79 8.00 -15.94 -2.37
CA LEU A 79 7.93 -14.99 -1.23
C LEU A 79 7.21 -15.63 -0.05
N LEU A 80 7.69 -15.38 1.17
CA LEU A 80 6.96 -15.72 2.41
C LEU A 80 6.59 -14.43 3.15
N LEU A 81 5.29 -14.18 3.34
CA LEU A 81 4.78 -13.04 4.13
C LEU A 81 4.48 -13.56 5.54
N ARG A 82 5.11 -12.98 6.56
CA ARG A 82 4.81 -13.27 7.97
C ARG A 82 3.84 -12.20 8.46
N LEU A 83 2.64 -12.62 8.83
CA LEU A 83 1.52 -11.71 9.15
C LEU A 83 0.99 -12.05 10.55
N GLY A 84 0.57 -11.03 11.26
CA GLY A 84 -0.21 -11.11 12.51
C GLY A 84 -1.52 -10.39 12.35
N LEU A 85 -2.22 -10.18 13.46
CA LEU A 85 -3.49 -9.41 13.44
C LEU A 85 -3.30 -8.14 14.30
N THR A 86 -3.96 -7.07 13.90
CA THR A 86 -4.03 -5.79 14.64
C THR A 86 -5.44 -5.22 14.44
N SER A 87 -5.61 -3.92 14.64
CA SER A 87 -6.92 -3.24 14.58
C SER A 87 -6.72 -1.76 14.33
N TYR A 88 -7.77 -1.08 13.89
CA TYR A 88 -7.85 0.40 13.74
C TYR A 88 -7.59 1.09 15.10
N ARG A 89 -8.17 0.51 16.18
CA ARG A 89 -7.96 1.04 17.58
C ARG A 89 -6.48 1.01 17.97
N ASP A 90 -5.81 -0.10 17.71
CA ASP A 90 -4.37 -0.28 18.06
C ASP A 90 -3.53 0.68 17.23
N PHE A 91 -3.88 0.86 15.94
CA PHE A 91 -3.20 1.87 15.09
C PHE A 91 -3.29 3.26 15.74
N LEU A 92 -4.48 3.70 16.14
CA LEU A 92 -4.68 5.07 16.66
C LEU A 92 -3.88 5.24 17.97
N GLY A 93 -3.71 4.18 18.74
CA GLY A 93 -2.98 4.22 20.03
C GLY A 93 -1.47 4.05 19.91
N THR A 94 -0.93 3.76 18.71
CA THR A 94 0.52 3.45 18.56
C THR A 94 1.11 4.27 17.42
N ASN A 95 0.99 3.84 16.15
CA ASN A 95 1.52 4.56 14.96
C ASN A 95 1.09 6.04 14.91
N TRP A 96 -0.14 6.36 15.30
CA TRP A 96 -0.73 7.71 15.21
C TRP A 96 -0.80 8.39 16.58
N SER A 97 -0.07 7.83 17.54
CA SER A 97 0.19 8.49 18.86
C SER A 97 1.27 9.57 18.70
N SER A 98 1.18 10.63 19.51
CA SER A 98 2.21 11.70 19.51
C SER A 98 3.55 11.10 19.96
N SER A 99 3.51 10.00 20.71
N SER A 99 3.50 10.01 20.73
CA SER A 99 4.70 9.33 21.31
CA SER A 99 4.69 9.33 21.32
C SER A 99 5.16 8.14 20.46
C SER A 99 5.16 8.14 20.47
N ALA A 100 4.74 8.04 19.20
CA ALA A 100 5.12 6.91 18.32
C ALA A 100 6.66 6.77 18.26
N ALA A 101 7.44 7.87 18.18
CA ALA A 101 8.91 7.76 18.10
C ALA A 101 9.47 7.14 19.39
N TRP A 102 8.87 7.46 20.56
CA TRP A 102 9.31 6.88 21.86
C TRP A 102 9.08 5.36 21.85
N LEU A 103 7.93 4.93 21.32
CA LEU A 103 7.61 3.48 21.17
C LEU A 103 8.64 2.78 20.26
N ARG A 104 9.09 3.43 19.17
CA ARG A 104 10.13 2.89 18.24
C ARG A 104 11.47 2.71 18.98
N GLN A 105 11.90 3.73 19.74
CA GLN A 105 13.18 3.64 20.53
C GLN A 105 13.08 2.49 21.57
N GLN A 106 11.95 2.41 22.28
N GLN A 106 11.95 2.38 22.27
CA GLN A 106 11.67 1.38 23.31
CA GLN A 106 11.75 1.35 23.33
C GLN A 106 11.72 -0.03 22.68
C GLN A 106 11.71 -0.05 22.70
N GLY A 107 11.15 -0.18 21.49
CA GLY A 107 11.15 -1.47 20.77
C GLY A 107 12.57 -1.89 20.38
N ALA A 108 13.40 -0.95 19.91
CA ALA A 108 14.83 -1.19 19.63
C ALA A 108 15.55 -1.66 20.92
N THR A 109 15.37 -0.97 22.04
CA THR A 109 15.95 -1.32 23.37
C THR A 109 15.53 -2.73 23.80
N ASP A 110 14.23 -3.00 23.85
CA ASP A 110 13.65 -4.20 24.52
C ASP A 110 13.73 -5.43 23.63
N TRP A 111 13.50 -5.31 22.31
CA TRP A 111 13.27 -6.45 21.40
C TRP A 111 14.25 -6.43 20.23
N GLY A 112 15.15 -5.45 20.12
CA GLY A 112 15.92 -5.23 18.87
C GLY A 112 15.05 -5.07 17.63
N ASP A 113 13.92 -4.36 17.75
CA ASP A 113 12.90 -4.27 16.67
C ASP A 113 12.15 -2.95 16.84
N THR A 114 12.46 -1.95 16.00
CA THR A 114 11.82 -0.60 16.07
C THR A 114 10.27 -0.73 15.98
N GLN A 115 9.74 -1.80 15.37
CA GLN A 115 8.27 -1.93 15.16
C GLN A 115 7.57 -2.76 16.27
N ALA A 116 8.26 -3.31 17.28
CA ALA A 116 7.70 -4.36 18.18
C ALA A 116 6.44 -3.85 18.90
N TYR A 117 6.40 -2.57 19.23
CA TYR A 117 5.29 -1.95 19.99
C TYR A 117 4.29 -1.21 19.07
N LEU A 118 4.40 -1.39 17.75
CA LEU A 118 3.53 -0.67 16.76
C LEU A 118 2.52 -1.63 16.12
N ALA A 119 1.30 -1.13 15.93
CA ALA A 119 0.21 -1.89 15.26
C ALA A 119 0.64 -2.30 13.85
N ASP A 120 1.17 -1.37 13.07
CA ASP A 120 1.68 -1.62 11.69
C ASP A 120 0.67 -2.37 10.83
N PRO A 121 -0.58 -1.88 10.71
CA PRO A 121 -1.54 -2.49 9.76
C PRO A 121 -1.03 -2.47 8.31
N LEU A 122 -1.25 -3.55 7.55
CA LEU A 122 -0.78 -3.67 6.15
C LEU A 122 -1.76 -2.95 5.20
N GLY A 123 -1.28 -1.96 4.46
CA GLY A 123 -2.04 -1.32 3.37
C GLY A 123 -1.86 -2.03 2.05
N VAL A 124 -2.76 -1.78 1.09
CA VAL A 124 -2.54 -2.16 -0.34
C VAL A 124 -2.72 -0.91 -1.23
N GLY A 125 -1.93 -0.81 -2.30
CA GLY A 125 -2.03 0.24 -3.32
C GLY A 125 -1.80 -0.30 -4.70
N ALA A 126 -2.26 0.39 -5.73
CA ALA A 126 -2.06 -0.03 -7.13
C ALA A 126 -1.48 1.09 -7.98
N ALA A 127 -0.46 0.74 -8.77
CA ALA A 127 -0.15 1.39 -10.06
C ALA A 127 -1.14 0.82 -11.07
N LEU A 128 -2.15 1.61 -11.40
CA LEU A 128 -3.27 1.16 -12.28
C LEU A 128 -3.06 1.78 -13.66
N ALA A 129 -2.79 0.95 -14.70
CA ALA A 129 -2.46 1.43 -16.06
C ALA A 129 -3.69 1.29 -16.95
N THR A 130 -3.92 2.27 -17.83
CA THR A 130 -5.03 2.29 -18.82
C THR A 130 -4.57 1.61 -20.13
N ALA A 131 -5.53 1.32 -21.01
CA ALA A 131 -5.28 0.68 -22.32
C ALA A 131 -4.43 1.62 -23.19
N ASP A 132 -4.52 2.95 -22.99
CA ASP A 132 -3.76 3.99 -23.75
C ASP A 132 -2.49 4.50 -23.01
N ASP A 133 -1.99 3.68 -22.06
N ASP A 133 -2.02 3.74 -22.02
CA ASP A 133 -0.69 3.80 -21.35
CA ASP A 133 -0.65 3.89 -21.44
C ASP A 133 -0.64 5.10 -20.54
C ASP A 133 -0.57 5.08 -20.46
N PHE A 134 -1.57 5.25 -19.59
CA PHE A 134 -1.49 6.27 -18.49
C PHE A 134 -1.59 5.51 -17.16
N LEU A 135 -0.98 6.05 -16.10
CA LEU A 135 -1.33 5.68 -14.70
C LEU A 135 -2.40 6.60 -14.12
N VAL A 136 -3.21 6.04 -13.20
CA VAL A 136 -4.38 6.70 -12.54
C VAL A 136 -4.00 7.30 -11.20
N PHE A 137 -4.31 8.59 -11.00
CA PHE A 137 -4.08 9.31 -9.71
C PHE A 137 -5.42 9.87 -9.17
N LEU A 138 -5.49 10.00 -7.86
CA LEU A 138 -6.70 10.52 -7.12
C LEU A 138 -6.30 11.65 -6.18
N ARG A 139 -7.14 12.68 -6.08
CA ARG A 139 -6.88 13.82 -5.14
C ARG A 139 -7.62 13.54 -3.84
N ARG A 140 -6.93 13.62 -2.70
CA ARG A 140 -7.51 13.41 -1.35
C ARG A 140 -8.26 14.69 -0.94
N SER A 141 -9.42 14.53 -0.31
CA SER A 141 -10.15 15.62 0.38
C SER A 141 -9.21 16.38 1.32
N ARG A 142 -9.40 17.70 1.45
CA ARG A 142 -8.60 18.58 2.35
C ARG A 142 -9.15 18.49 3.78
N GLN A 143 -10.20 17.69 4.03
CA GLN A 143 -10.91 17.61 5.34
C GLN A 143 -10.63 16.30 6.09
N VAL A 144 -9.83 15.38 5.54
CA VAL A 144 -9.55 14.07 6.22
C VAL A 144 -8.32 14.23 7.11
N ALA A 145 -8.07 13.30 8.02
CA ALA A 145 -7.01 13.39 9.06
C ALA A 145 -5.65 13.07 8.44
N GLU A 146 -5.58 12.07 7.57
CA GLU A 146 -4.29 11.60 6.99
C GLU A 146 -4.02 12.25 5.64
N ALA A 147 -2.85 12.87 5.49
CA ALA A 147 -2.35 13.39 4.19
C ALA A 147 -3.45 14.20 3.49
N PRO A 148 -4.06 15.20 4.17
CA PRO A 148 -5.13 15.99 3.57
C PRO A 148 -4.67 16.76 2.32
N GLY A 149 -5.47 16.66 1.27
CA GLY A 149 -5.27 17.43 0.03
C GLY A 149 -4.13 16.90 -0.81
N LEU A 150 -3.55 15.73 -0.47
CA LEU A 150 -2.40 15.22 -1.26
C LEU A 150 -2.90 14.29 -2.38
N VAL A 151 -2.03 14.02 -3.34
CA VAL A 151 -2.31 13.03 -4.43
C VAL A 151 -2.12 11.61 -3.91
N ASP A 152 -3.03 10.69 -4.24
CA ASP A 152 -2.90 9.25 -3.90
C ASP A 152 -3.07 8.37 -5.15
N VAL A 153 -2.85 7.07 -4.99
CA VAL A 153 -3.24 6.06 -6.02
C VAL A 153 -4.36 5.25 -5.39
N PRO A 154 -5.12 4.43 -6.14
CA PRO A 154 -6.13 3.55 -5.54
C PRO A 154 -5.58 2.59 -4.49
N GLY A 155 -6.33 2.35 -3.42
CA GLY A 155 -5.89 1.41 -2.37
C GLY A 155 -6.71 1.50 -1.11
N GLY A 156 -6.33 0.73 -0.09
CA GLY A 156 -7.03 0.75 1.20
C GLY A 156 -6.31 -0.13 2.20
N HIS A 157 -6.96 -0.44 3.33
CA HIS A 157 -6.36 -1.27 4.41
C HIS A 157 -7.31 -2.45 4.60
N PRO A 158 -7.05 -3.65 4.00
CA PRO A 158 -8.03 -4.73 4.02
C PRO A 158 -8.25 -5.34 5.41
N GLU A 159 -9.49 -5.78 5.63
CA GLU A 159 -10.04 -6.35 6.88
C GLU A 159 -10.08 -7.87 6.72
N PRO A 160 -9.41 -8.65 7.60
CA PRO A 160 -9.53 -10.11 7.66
C PRO A 160 -10.98 -10.64 7.67
N GLN A 161 -11.22 -11.76 6.96
CA GLN A 161 -12.56 -12.32 6.56
C GLN A 161 -13.69 -11.40 7.02
N ASP A 173 0.69 -23.28 4.78
CA ASP A 173 0.02 -22.29 3.89
C ASP A 173 -1.48 -22.62 3.83
N LEU A 174 -2.08 -23.17 4.90
CA LEU A 174 -3.44 -23.75 4.82
C LEU A 174 -4.52 -22.83 5.41
N ALA A 175 -4.17 -21.82 6.18
CA ALA A 175 -4.96 -20.55 6.25
C ALA A 175 -4.26 -19.50 5.37
N GLY A 176 -2.94 -19.67 5.17
CA GLY A 176 -2.02 -18.93 4.28
C GLY A 176 -2.60 -18.56 2.92
N GLN A 177 -3.07 -19.54 2.16
CA GLN A 177 -3.47 -19.31 0.75
C GLN A 177 -4.74 -18.45 0.73
N LEU A 178 -5.59 -18.58 1.76
CA LEU A 178 -6.85 -17.79 1.79
C LEU A 178 -6.48 -16.34 2.11
N VAL A 179 -5.47 -16.13 2.95
CA VAL A 179 -5.03 -14.75 3.30
C VAL A 179 -4.39 -14.09 2.06
N VAL A 180 -3.53 -14.79 1.33
CA VAL A 180 -2.94 -14.20 0.07
C VAL A 180 -4.09 -13.85 -0.89
N HIS A 181 -5.07 -14.74 -1.06
CA HIS A 181 -6.26 -14.50 -1.91
C HIS A 181 -6.97 -13.21 -1.49
N GLU A 182 -7.19 -13.00 -0.18
N GLU A 182 -7.16 -13.03 -0.17
CA GLU A 182 -7.89 -11.79 0.31
CA GLU A 182 -7.83 -11.85 0.43
C GLU A 182 -7.05 -10.54 0.02
C GLU A 182 -7.05 -10.57 0.07
N LEU A 183 -5.72 -10.61 0.14
CA LEU A 183 -4.85 -9.45 -0.21
C LEU A 183 -5.02 -9.06 -1.69
N PHE A 184 -4.89 -10.00 -2.62
CA PHE A 184 -5.03 -9.75 -4.08
C PHE A 184 -6.46 -9.28 -4.42
N SER A 185 -7.47 -9.97 -3.87
N SER A 185 -7.49 -9.92 -3.87
CA SER A 185 -8.90 -9.60 -4.05
CA SER A 185 -8.90 -9.53 -4.18
C SER A 185 -9.13 -8.14 -3.62
C SER A 185 -9.21 -8.15 -3.59
N SER A 186 -8.57 -7.76 -2.48
CA SER A 186 -8.85 -6.45 -1.83
C SER A 186 -8.36 -5.31 -2.71
N VAL A 187 -7.24 -5.48 -3.42
CA VAL A 187 -6.78 -4.33 -4.29
C VAL A 187 -7.75 -4.16 -5.48
N LEU A 188 -8.31 -5.23 -6.05
CA LEU A 188 -9.34 -5.11 -7.14
C LEU A 188 -10.63 -4.49 -6.56
N GLN A 189 -11.06 -4.95 -5.39
CA GLN A 189 -12.30 -4.45 -4.77
C GLN A 189 -12.15 -2.94 -4.53
N GLU A 190 -10.98 -2.47 -4.06
CA GLU A 190 -10.74 -1.02 -3.76
C GLU A 190 -10.77 -0.23 -5.08
N ILE A 191 -10.27 -0.79 -6.21
CA ILE A 191 -10.38 -0.12 -7.53
C ILE A 191 -11.86 -0.02 -7.95
N CYS A 192 -12.62 -1.11 -7.87
CA CYS A 192 -14.08 -1.09 -8.20
C CYS A 192 -14.82 -0.10 -7.30
N ASP A 193 -14.59 -0.07 -5.99
CA ASP A 193 -15.35 0.82 -5.05
C ASP A 193 -15.03 2.30 -5.28
N GLU A 194 -13.78 2.68 -5.51
CA GLU A 194 -13.38 4.11 -5.56
C GLU A 194 -13.35 4.64 -7.00
N VAL A 195 -12.88 3.85 -7.99
CA VAL A 195 -12.76 4.33 -9.40
C VAL A 195 -14.07 4.01 -10.14
N ASN A 196 -14.90 3.08 -9.64
CA ASN A 196 -16.21 2.74 -10.23
C ASN A 196 -16.03 1.93 -11.54
N LEU A 197 -14.97 1.13 -11.61
CA LEU A 197 -14.67 0.30 -12.79
C LEU A 197 -15.31 -1.07 -12.63
N PRO A 198 -15.80 -1.66 -13.74
CA PRO A 198 -16.25 -3.04 -13.71
C PRO A 198 -15.05 -3.97 -13.45
N LEU A 199 -15.27 -4.98 -12.62
CA LEU A 199 -14.23 -5.99 -12.22
C LEU A 199 -13.68 -6.67 -13.46
N LEU A 200 -14.54 -6.94 -14.47
CA LEU A 200 -14.07 -7.68 -15.68
C LEU A 200 -13.17 -6.84 -16.57
N THR A 201 -12.97 -5.55 -16.32
CA THR A 201 -12.01 -4.70 -17.07
C THR A 201 -10.59 -4.76 -16.46
N LEU A 202 -10.42 -5.45 -15.33
CA LEU A 202 -9.12 -5.48 -14.57
C LEU A 202 -8.36 -6.82 -14.73
N SER A 203 -7.04 -6.78 -14.91
CA SER A 203 -6.11 -7.93 -14.91
C SER A 203 -5.96 -8.47 -13.49
N GLN A 204 -5.53 -9.73 -13.35
CA GLN A 204 -5.07 -10.22 -12.02
C GLN A 204 -3.86 -9.37 -11.60
N PRO A 205 -3.81 -8.90 -10.33
CA PRO A 205 -2.68 -8.06 -9.89
C PRO A 205 -1.33 -8.79 -9.90
N LEU A 206 -0.23 -8.04 -10.05
CA LEU A 206 1.13 -8.53 -9.75
C LEU A 206 1.66 -7.75 -8.56
N LEU A 207 2.19 -8.44 -7.57
CA LEU A 207 2.88 -7.74 -6.44
C LEU A 207 4.21 -7.14 -6.93
N LEU A 208 4.38 -5.81 -6.84
CA LEU A 208 5.67 -5.15 -7.19
C LEU A 208 6.66 -5.12 -6.01
N GLY A 209 6.17 -4.96 -4.77
CA GLY A 209 7.01 -4.85 -3.57
C GLY A 209 6.26 -4.30 -2.39
N ILE A 210 7.01 -3.97 -1.35
CA ILE A 210 6.44 -3.41 -0.09
C ILE A 210 7.22 -2.14 0.27
N ALA A 211 6.51 -1.05 0.57
CA ALA A 211 7.05 0.28 0.91
C ALA A 211 6.63 0.59 2.34
N ARG A 212 7.48 1.31 3.09
CA ARG A 212 7.14 1.79 4.46
C ARG A 212 6.97 3.32 4.45
N ASN A 213 5.99 3.83 5.21
CA ASN A 213 5.63 5.27 5.41
C ASN A 213 6.26 5.71 6.72
N GLU A 214 7.43 6.32 6.65
CA GLU A 214 8.20 6.82 7.84
C GLU A 214 7.48 8.00 8.50
N THR A 215 6.49 8.63 7.87
CA THR A 215 5.66 9.69 8.50
C THR A 215 4.57 9.07 9.37
N SER A 216 4.27 7.79 9.18
CA SER A 216 3.29 7.04 10.00
C SER A 216 4.00 5.95 10.82
N ALA A 217 5.22 6.25 11.34
CA ALA A 217 6.04 5.40 12.26
C ALA A 217 6.41 4.07 11.59
N GLY A 218 6.45 4.01 10.25
CA GLY A 218 6.97 2.83 9.55
C GLY A 218 5.92 1.83 9.12
N ARG A 219 4.63 2.18 9.12
CA ARG A 219 3.60 1.21 8.65
C ARG A 219 3.77 0.98 7.13
N ALA A 220 3.56 -0.28 6.72
CA ALA A 220 3.95 -0.78 5.37
C ALA A 220 2.69 -0.92 4.49
N SER A 221 2.86 -0.78 3.19
CA SER A 221 1.84 -1.06 2.17
C SER A 221 2.41 -1.98 1.10
N ALA A 222 1.68 -3.05 0.76
CA ALA A 222 1.96 -3.86 -0.45
C ALA A 222 1.51 -3.11 -1.70
N GLU A 223 2.39 -2.93 -2.69
CA GLU A 223 2.14 -2.12 -3.91
C GLU A 223 2.03 -3.08 -5.10
N PHE A 224 0.94 -3.01 -5.87
CA PHE A 224 0.60 -3.98 -6.97
C PHE A 224 0.53 -3.23 -8.32
N TYR A 225 0.69 -3.94 -9.42
CA TYR A 225 0.46 -3.44 -10.79
C TYR A 225 -0.85 -4.09 -11.27
N VAL A 226 -1.78 -3.28 -11.77
CA VAL A 226 -3.04 -3.75 -12.39
C VAL A 226 -3.23 -3.03 -13.72
N GLN A 227 -3.60 -3.79 -14.75
N GLN A 227 -3.54 -3.80 -14.77
CA GLN A 227 -3.87 -3.27 -16.12
CA GLN A 227 -3.88 -3.25 -16.11
C GLN A 227 -5.38 -3.25 -16.33
C GLN A 227 -5.40 -3.19 -16.23
N CYS A 228 -5.91 -2.13 -16.86
CA CYS A 228 -7.34 -1.96 -17.19
C CYS A 228 -7.48 -2.00 -18.71
N SER A 229 -8.54 -2.62 -19.23
CA SER A 229 -8.79 -2.69 -20.70
C SER A 229 -9.46 -1.41 -21.24
N LEU A 230 -9.84 -0.48 -20.36
CA LEU A 230 -10.44 0.82 -20.75
C LEU A 230 -9.33 1.88 -20.96
N THR A 231 -9.57 2.84 -21.85
CA THR A 231 -8.76 4.07 -22.03
C THR A 231 -8.96 5.03 -20.86
N SER A 232 -8.04 5.96 -20.72
CA SER A 232 -8.11 7.08 -19.73
C SER A 232 -9.48 7.80 -19.86
N GLU A 233 -9.96 8.08 -21.08
CA GLU A 233 -11.26 8.78 -21.25
C GLU A 233 -12.40 7.94 -20.64
N GLN A 234 -12.41 6.63 -20.90
CA GLN A 234 -13.44 5.69 -20.40
C GLN A 234 -13.32 5.59 -18.87
N VAL A 235 -12.09 5.52 -18.31
CA VAL A 235 -11.92 5.44 -16.82
C VAL A 235 -12.53 6.69 -16.16
N ARG A 236 -12.21 7.88 -16.70
CA ARG A 236 -12.74 9.18 -16.20
C ARG A 236 -14.27 9.14 -16.20
N LYS A 237 -14.88 8.72 -17.31
CA LYS A 237 -16.36 8.70 -17.43
C LYS A 237 -16.92 7.82 -16.30
N HIS A 238 -16.34 6.62 -16.09
CA HIS A 238 -16.84 5.66 -15.06
C HIS A 238 -16.76 6.30 -13.65
N TYR A 239 -15.57 6.83 -13.29
CA TYR A 239 -15.34 7.54 -12.02
C TYR A 239 -16.40 8.64 -11.85
N LEU A 240 -16.54 9.55 -12.82
CA LEU A 240 -17.40 10.76 -12.65
C LEU A 240 -18.88 10.37 -12.61
N SER A 241 -19.27 9.30 -13.31
CA SER A 241 -20.69 8.88 -13.44
C SER A 241 -21.21 8.30 -12.12
N GLY A 242 -20.33 8.04 -11.15
CA GLY A 242 -20.75 7.68 -9.77
C GLY A 242 -21.33 8.87 -9.04
N GLY A 243 -20.88 10.08 -9.36
CA GLY A 243 -21.31 11.29 -8.61
C GLY A 243 -20.49 11.44 -7.35
N PRO A 244 -20.59 12.60 -6.66
CA PRO A 244 -19.71 12.90 -5.53
C PRO A 244 -19.76 11.90 -4.36
N GLU A 245 -20.88 11.20 -4.16
CA GLU A 245 -21.06 10.21 -3.05
C GLU A 245 -20.52 8.81 -3.41
N ALA A 246 -20.10 8.57 -4.65
CA ALA A 246 -19.57 7.25 -5.06
C ALA A 246 -18.05 7.15 -4.78
N HIS A 247 -17.38 8.22 -4.35
CA HIS A 247 -15.90 8.19 -4.10
C HIS A 247 -15.52 9.06 -2.90
N GLU A 248 -14.44 8.68 -2.18
CA GLU A 248 -13.88 9.46 -1.05
C GLU A 248 -12.98 10.58 -1.59
N SER A 249 -12.30 10.32 -2.70
CA SER A 249 -11.45 11.34 -3.39
C SER A 249 -12.33 12.47 -3.97
N THR A 250 -11.71 13.60 -4.34
CA THR A 250 -12.40 14.80 -4.88
C THR A 250 -12.10 14.99 -6.37
N GLY A 251 -11.26 14.14 -6.96
CA GLY A 251 -10.91 14.24 -8.38
C GLY A 251 -10.03 13.10 -8.83
N ILE A 252 -9.96 12.90 -10.15
CA ILE A 252 -9.14 11.84 -10.84
C ILE A 252 -8.31 12.55 -11.90
N PHE A 253 -7.11 12.03 -12.16
CA PHE A 253 -6.28 12.53 -13.27
C PHE A 253 -5.30 11.44 -13.70
N PHE A 254 -4.60 11.64 -14.82
CA PHE A 254 -3.82 10.58 -15.52
C PHE A 254 -2.46 11.16 -15.93
N VAL A 255 -1.37 10.38 -15.80
CA VAL A 255 -0.01 10.77 -16.28
C VAL A 255 0.47 9.68 -17.24
N GLU A 256 0.99 10.06 -18.41
CA GLU A 256 1.48 9.05 -19.38
C GLU A 256 2.58 8.22 -18.70
N THR A 257 2.64 6.89 -18.93
CA THR A 257 3.70 6.05 -18.35
C THR A 257 5.08 6.58 -18.79
N GLN A 258 5.15 7.14 -20.00
CA GLN A 258 6.38 7.81 -20.49
C GLN A 258 6.91 8.80 -19.45
N ASN A 259 6.04 9.58 -18.85
CA ASN A 259 6.37 10.73 -17.96
C ASN A 259 6.51 10.29 -16.48
N VAL A 260 6.00 9.11 -16.11
CA VAL A 260 6.13 8.56 -14.72
C VAL A 260 7.60 8.31 -14.39
N ARG A 261 8.39 7.95 -15.40
CA ARG A 261 9.86 7.75 -15.28
C ARG A 261 10.52 8.93 -14.55
N ARG A 262 10.16 10.18 -14.86
CA ARG A 262 10.85 11.36 -14.24
C ARG A 262 9.93 12.07 -13.23
N LEU A 263 8.86 11.43 -12.77
CA LEU A 263 7.93 12.09 -11.80
C LEU A 263 8.66 12.63 -10.56
N PRO A 264 9.67 11.95 -9.98
CA PRO A 264 10.36 12.52 -8.80
C PRO A 264 11.07 13.87 -9.05
N GLU A 265 11.25 14.25 -10.31
CA GLU A 265 11.88 15.55 -10.72
C GLU A 265 10.81 16.62 -10.96
N THR A 266 9.53 16.32 -10.85
CA THR A 266 8.41 17.24 -11.14
C THR A 266 7.89 17.89 -9.86
N GLU A 267 7.10 18.96 -10.01
CA GLU A 267 6.41 19.65 -8.90
C GLU A 267 5.30 18.75 -8.32
N MET A 268 4.81 17.75 -9.07
CA MET A 268 3.79 16.78 -8.57
C MET A 268 4.38 16.02 -7.35
N TRP A 269 5.68 15.75 -7.34
CA TRP A 269 6.29 14.82 -6.35
C TRP A 269 6.02 15.31 -4.92
N ALA A 270 6.10 16.62 -4.68
CA ALA A 270 5.86 17.21 -3.33
C ALA A 270 4.39 17.10 -2.90
N GLU A 271 3.46 16.81 -3.81
CA GLU A 271 2.03 16.68 -3.51
C GLU A 271 1.64 15.21 -3.30
N LEU A 272 2.52 14.24 -3.58
CA LEU A 272 2.19 12.79 -3.46
C LEU A 272 2.33 12.34 -1.99
N CYS A 273 1.33 11.66 -1.47
CA CYS A 273 1.42 11.02 -0.14
C CYS A 273 2.47 9.88 -0.18
N PRO A 274 3.09 9.56 0.97
CA PRO A 274 4.17 8.56 1.03
C PRO A 274 3.86 7.20 0.39
N SER A 275 2.69 6.65 0.64
CA SER A 275 2.34 5.32 0.06
C SER A 275 2.20 5.42 -1.46
N ALA A 276 1.69 6.52 -2.03
CA ALA A 276 1.65 6.69 -3.51
C ALA A 276 3.10 6.83 -4.04
N LYS A 277 3.99 7.55 -3.34
CA LYS A 277 5.42 7.62 -3.75
C LYS A 277 6.01 6.21 -3.81
N GLY A 278 5.67 5.33 -2.84
CA GLY A 278 6.17 3.95 -2.86
C GLY A 278 5.68 3.18 -4.09
N ALA A 279 4.39 3.31 -4.44
CA ALA A 279 3.80 2.69 -5.65
C ALA A 279 4.56 3.13 -6.90
N ILE A 280 4.87 4.42 -7.03
CA ILE A 280 5.51 4.94 -8.28
C ILE A 280 6.98 4.51 -8.33
N ILE A 281 7.73 4.57 -7.23
CA ILE A 281 9.14 4.09 -7.19
C ILE A 281 9.18 2.60 -7.60
N LEU A 282 8.32 1.77 -7.01
CA LEU A 282 8.29 0.33 -7.35
C LEU A 282 7.86 0.11 -8.81
N TYR A 283 6.88 0.85 -9.35
CA TYR A 283 6.47 0.73 -10.76
C TYR A 283 7.70 1.00 -11.64
N ASN A 284 8.40 2.09 -11.35
CA ASN A 284 9.60 2.49 -12.15
C ASN A 284 10.69 1.41 -12.08
N ARG A 285 10.92 0.77 -10.93
CA ARG A 285 12.04 -0.19 -10.76
C ARG A 285 11.68 -1.56 -11.32
N VAL A 286 10.43 -1.98 -11.18
CA VAL A 286 9.98 -3.37 -11.46
C VAL A 286 9.29 -3.50 -12.82
N GLN A 287 8.36 -2.61 -13.20
CA GLN A 287 7.71 -2.66 -14.55
C GLN A 287 8.51 -1.81 -15.56
N GLY A 288 8.97 -0.61 -15.21
CA GLY A 288 9.91 0.14 -16.05
C GLY A 288 11.32 -0.46 -15.95
N SER A 289 12.36 0.33 -16.28
CA SER A 289 13.79 -0.06 -16.14
C SER A 289 14.04 -1.38 -16.90
N PRO A 290 13.98 -1.37 -18.26
CA PRO A 290 14.14 -2.59 -19.04
C PRO A 290 15.58 -3.14 -18.96
N THR A 291 15.72 -4.45 -19.14
CA THR A 291 17.00 -5.22 -18.97
C THR A 291 17.52 -5.70 -20.34
N GLY A 292 16.70 -5.74 -21.39
CA GLY A 292 17.03 -6.38 -22.68
C GLY A 292 17.52 -5.37 -23.71
N ALA A 293 18.19 -5.85 -24.77
CA ALA A 293 18.83 -5.03 -25.83
C ALA A 293 17.80 -4.15 -26.56
N ALA A 294 16.62 -4.71 -26.88
CA ALA A 294 15.54 -4.02 -27.65
C ALA A 294 14.98 -2.81 -26.87
N LEU A 295 14.36 -3.04 -25.71
CA LEU A 295 13.67 -1.96 -24.92
C LEU A 295 14.70 -1.02 -24.30
N GLY A 296 15.96 -1.45 -24.20
CA GLY A 296 17.09 -0.67 -23.61
C GLY A 296 17.83 0.17 -24.65
N SER A 297 17.56 0.01 -25.95
CA SER A 297 18.13 0.80 -27.07
C SER A 297 17.85 2.31 -26.88
N PRO A 298 18.79 3.23 -27.23
CA PRO A 298 18.61 4.68 -26.96
C PRO A 298 17.32 5.37 -27.46
N ALA A 299 16.79 4.99 -28.62
CA ALA A 299 15.53 5.58 -29.16
C ALA A 299 14.32 5.20 -28.27
N LEU A 300 14.33 3.98 -27.66
CA LEU A 300 13.21 3.53 -26.79
C LEU A 300 13.48 3.88 -25.31
N LEU A 301 14.74 4.05 -24.87
CA LEU A 301 15.10 4.43 -23.48
C LEU A 301 16.02 5.63 -23.53
N PRO A 302 15.45 6.83 -23.76
CA PRO A 302 16.24 8.04 -23.96
C PRO A 302 17.11 8.34 -22.74
N PRO A 303 18.42 8.61 -22.91
CA PRO A 303 19.29 8.99 -21.79
C PRO A 303 18.86 10.28 -21.07
N LEU A 304 18.89 10.26 -19.72
CA LEU A 304 18.88 11.46 -18.84
C LEU A 304 17.56 11.53 -18.05
#